data_4U0I
#
_entry.id   4U0I
#
_cell.length_a   70.032
_cell.length_b   70.032
_cell.length_c   129.212
_cell.angle_alpha   90.000
_cell.angle_beta   90.000
_cell.angle_gamma   120.000
#
_symmetry.space_group_name_H-M   'P 32 2 1'
#
loop_
_entity.id
_entity.type
_entity.pdbx_description
1 polymer 'Mast/stem cell growth factor receptor Kit,Mast/stem cell growth factor receptor Kit'
2 non-polymer '3-(imidazo[1,2-b]pyridazin-3-ylethynyl)-4-methyl-N-{4-[(4-methylpiperazin-1-yl)methyl]-3-(trifluoromethyl)phenyl}benzam ide'
3 non-polymer 'PHOSPHATE ION'
4 water water
#
_entity_poly.entity_id   1
_entity_poly.type   'polypeptide(L)'
_entity_poly.pdbx_seq_one_letter_code
;INGNNYVYIDPTQLPYDHKWEFPRNRLSFGKTLGAGAFGKVVEATAYGLIKSDAAMTVAVKMLKPSAHLTEREALMSELK
VLSYLGNHMNIVNLLGACTIGGPTLVITEYCCYGDLLNFLRRKRDSFICSKTSPAIMEDDELALDLEDLLSFSYQVAKGM
AFLASKNCIHRDLAARNILLTHGRITKICDFGLARDIKNDSNYVVKGNARLPVKWMAPESIFNCVYTFESDVWSYGIFLW
ELFSLGSSPYPGMPVDSKFYKMIKEGFRMLSPEHAPAEMYDIMKTCWDADPLKRPTFKQIVQLIEKQISESTNHI
;
_entity_poly.pdbx_strand_id   A
#
loop_
_chem_comp.id
_chem_comp.type
_chem_comp.name
_chem_comp.formula
0LI non-polymer '3-(imidazo[1,2-b]pyridazin-3-ylethynyl)-4-methyl-N-{4-[(4-methylpiperazin-1-yl)methyl]-3-(trifluoromethyl)phenyl}benzam ide' 'C29 H27 F3 N6 O'
PO4 non-polymer 'PHOSPHATE ION' 'O4 P -3'
#
# COMPACT_ATOMS: atom_id res chain seq x y z
N GLY A 3 21.08 -3.04 -14.81
CA GLY A 3 20.33 -1.86 -15.32
C GLY A 3 19.53 -1.21 -14.22
N ASN A 4 18.36 -1.76 -13.94
CA ASN A 4 17.43 -1.12 -13.03
C ASN A 4 17.85 -0.93 -11.57
N ASN A 5 18.93 -1.57 -11.14
CA ASN A 5 19.43 -1.38 -9.78
C ASN A 5 20.19 -0.07 -9.64
N TYR A 6 20.40 0.64 -10.74
CA TYR A 6 21.28 1.79 -10.67
C TYR A 6 20.59 3.12 -11.03
N VAL A 7 19.36 3.02 -11.50
CA VAL A 7 18.53 4.17 -11.83
C VAL A 7 17.23 4.18 -11.00
N TYR A 8 16.50 5.29 -11.10
CA TYR A 8 15.21 5.44 -10.45
C TYR A 8 14.46 6.50 -11.22
N ILE A 9 13.13 6.55 -11.09
CA ILE A 9 12.37 7.61 -11.72
C ILE A 9 12.29 8.73 -10.74
N ASP A 10 12.73 9.90 -11.17
CA ASP A 10 12.51 11.11 -10.41
C ASP A 10 11.15 11.69 -10.85
N PRO A 11 10.14 11.70 -9.95
CA PRO A 11 8.79 12.06 -10.39
C PRO A 11 8.68 13.52 -10.89
N THR A 12 9.53 14.39 -10.36
CA THR A 12 9.48 15.77 -10.80
C THR A 12 10.00 15.88 -12.23
N GLN A 13 10.54 14.79 -12.75
CA GLN A 13 11.08 14.84 -14.11
C GLN A 13 10.15 14.20 -15.13
N LEU A 14 9.09 13.52 -14.64
CA LEU A 14 7.99 13.05 -15.50
C LEU A 14 7.16 14.21 -16.07
N PRO A 15 6.57 14.02 -17.28
CA PRO A 15 5.58 14.92 -17.93
C PRO A 15 4.26 14.91 -17.18
N TYR A 16 3.61 16.07 -17.06
CA TYR A 16 2.19 16.04 -16.72
C TYR A 16 1.32 16.33 -17.95
N ASP A 17 0.60 15.31 -18.41
CA ASP A 17 -0.28 15.48 -19.55
C ASP A 17 -1.57 16.11 -19.05
N HIS A 18 -2.05 17.13 -19.75
CA HIS A 18 -3.25 17.81 -19.28
C HIS A 18 -4.51 17.04 -19.68
N LYS A 19 -4.35 15.92 -20.38
CA LYS A 19 -5.53 15.11 -20.72
C LYS A 19 -6.32 14.68 -19.46
N TRP A 20 -5.67 14.71 -18.29
CA TRP A 20 -6.31 14.29 -17.04
C TRP A 20 -7.23 15.34 -16.45
N GLU A 21 -7.11 16.56 -16.91
CA GLU A 21 -7.74 17.67 -16.25
C GLU A 21 -9.25 17.51 -16.40
N PHE A 22 -9.98 17.72 -15.30
CA PHE A 22 -11.41 17.45 -15.26
C PHE A 22 -12.08 18.71 -14.72
N PRO A 23 -13.27 19.08 -15.27
CA PRO A 23 -14.03 20.25 -14.82
C PRO A 23 -14.36 20.10 -13.35
N ARG A 24 -13.86 20.99 -12.51
CA ARG A 24 -14.03 20.75 -11.09
C ARG A 24 -15.44 20.97 -10.60
N ASN A 25 -16.28 21.63 -11.40
CA ASN A 25 -17.67 21.81 -11.02
C ASN A 25 -18.52 20.57 -11.40
N ARG A 26 -17.90 19.58 -12.04
CA ARG A 26 -18.56 18.29 -12.22
C ARG A 26 -18.25 17.28 -11.12
N LEU A 27 -17.61 17.77 -10.08
CA LEU A 27 -17.30 16.96 -8.91
C LEU A 27 -18.15 17.47 -7.77
N SER A 28 -18.78 16.55 -7.05
CA SER A 28 -19.56 16.90 -5.87
C SER A 28 -18.96 16.09 -4.73
N PHE A 29 -18.53 16.77 -3.66
CA PHE A 29 -17.79 16.09 -2.59
C PHE A 29 -18.68 15.54 -1.49
N GLY A 30 -18.31 14.37 -0.96
CA GLY A 30 -19.03 13.74 0.14
C GLY A 30 -18.15 13.55 1.37
N LYS A 31 -18.26 12.40 2.01
CA LYS A 31 -17.66 12.23 3.32
C LYS A 31 -16.14 12.06 3.23
N THR A 32 -15.43 12.42 4.30
CA THR A 32 -13.99 12.24 4.31
C THR A 32 -13.64 10.77 4.60
N LEU A 33 -12.73 10.19 3.82
CA LEU A 33 -12.31 8.81 4.04
C LEU A 33 -11.03 8.77 4.88
N GLY A 34 -10.22 9.81 4.80
CA GLY A 34 -9.02 9.87 5.62
C GLY A 34 -8.41 11.26 5.56
N ALA A 35 -7.71 11.68 6.61
CA ALA A 35 -7.04 12.96 6.54
C ALA A 35 -5.68 13.03 7.28
N GLY A 36 -4.80 13.85 6.73
CA GLY A 36 -3.54 14.18 7.38
C GLY A 36 -3.56 15.67 7.66
N ALA A 37 -2.40 16.25 7.94
CA ALA A 37 -2.35 17.67 8.24
C ALA A 37 -2.75 18.52 7.04
N PHE A 38 -2.22 18.18 5.87
CA PHE A 38 -2.27 19.06 4.72
C PHE A 38 -3.15 18.52 3.58
N GLY A 39 -3.62 17.29 3.78
CA GLY A 39 -4.45 16.66 2.76
C GLY A 39 -5.46 15.69 3.31
N LYS A 40 -6.40 15.29 2.46
CA LYS A 40 -7.46 14.40 2.87
C LYS A 40 -7.93 13.65 1.63
N VAL A 41 -8.57 12.51 1.86
CA VAL A 41 -9.21 11.74 0.81
C VAL A 41 -10.70 11.70 1.11
N VAL A 42 -11.50 12.13 0.14
CA VAL A 42 -12.93 12.22 0.36
C VAL A 42 -13.64 11.41 -0.72
N GLU A 43 -14.77 10.82 -0.37
CA GLU A 43 -15.63 10.21 -1.37
C GLU A 43 -16.32 11.34 -2.13
N ALA A 44 -16.64 11.11 -3.40
CA ALA A 44 -17.20 12.16 -4.25
C ALA A 44 -18.04 11.58 -5.37
N THR A 45 -18.83 12.42 -6.04
CA THR A 45 -19.53 12.04 -7.25
C THR A 45 -19.00 12.81 -8.46
N ALA A 46 -18.78 12.12 -9.56
CA ALA A 46 -18.29 12.81 -10.74
C ALA A 46 -19.25 12.63 -11.91
N TYR A 47 -19.52 13.72 -12.62
CA TYR A 47 -20.42 13.67 -13.78
C TYR A 47 -19.73 13.78 -15.14
N GLY A 48 -19.95 12.77 -15.97
CA GLY A 48 -19.46 12.82 -17.33
C GLY A 48 -18.00 12.44 -17.40
N LEU A 49 -17.50 11.76 -16.36
CA LEU A 49 -16.10 11.41 -16.25
C LEU A 49 -15.75 10.27 -17.20
N ILE A 50 -16.61 9.27 -17.33
CA ILE A 50 -16.35 8.24 -18.35
C ILE A 50 -17.51 8.12 -19.31
N ALA A 54 -23.51 10.53 -17.24
CA ALA A 54 -23.60 9.49 -16.23
C ALA A 54 -22.96 9.99 -14.94
N ALA A 55 -23.52 9.62 -13.79
CA ALA A 55 -22.93 9.95 -12.48
C ALA A 55 -22.13 8.75 -11.89
N MET A 56 -20.91 8.98 -11.43
CA MET A 56 -20.17 7.89 -10.80
C MET A 56 -19.50 8.27 -9.49
N THR A 57 -19.48 7.33 -8.56
CA THR A 57 -18.75 7.50 -7.32
C THR A 57 -17.23 7.33 -7.56
N VAL A 58 -16.45 8.27 -7.04
CA VAL A 58 -15.00 8.28 -7.18
C VAL A 58 -14.43 8.65 -5.81
N ALA A 59 -13.13 8.50 -5.64
CA ALA A 59 -12.43 9.06 -4.47
C ALA A 59 -11.53 10.21 -4.92
N VAL A 60 -11.31 11.19 -4.04
CA VAL A 60 -10.55 12.38 -4.35
C VAL A 60 -9.53 12.66 -3.25
N LYS A 61 -8.29 12.87 -3.64
CA LYS A 61 -7.28 13.32 -2.69
C LYS A 61 -6.98 14.78 -3.02
N MET A 62 -7.36 15.66 -2.10
CA MET A 62 -7.21 17.10 -2.32
C MET A 62 -6.34 17.69 -1.22
N LEU A 63 -5.73 18.83 -1.49
CA LEU A 63 -4.99 19.59 -0.49
C LEU A 63 -5.99 20.37 0.40
N LYS A 64 -5.66 20.47 1.68
CA LYS A 64 -6.40 21.32 2.62
C LYS A 64 -5.95 22.75 2.43
N PRO A 65 -6.65 23.70 3.07
CA PRO A 65 -6.25 25.11 2.95
C PRO A 65 -4.89 25.43 3.59
N SER A 66 -4.55 24.64 4.60
CA SER A 66 -3.28 24.73 5.30
C SER A 66 -2.05 24.39 4.46
N ALA A 67 -2.26 23.85 3.25
CA ALA A 67 -1.18 23.23 2.50
C ALA A 67 -0.23 24.26 1.88
N HIS A 68 1.04 23.87 1.77
CA HIS A 68 2.08 24.71 1.19
C HIS A 68 2.48 24.18 -0.19
N LEU A 69 3.21 24.99 -0.93
CA LEU A 69 3.82 24.59 -2.19
C LEU A 69 4.46 23.18 -2.11
N THR A 70 5.14 22.88 -1.00
CA THR A 70 5.78 21.57 -0.83
C THR A 70 4.79 20.41 -0.99
N GLU A 71 3.62 20.53 -0.38
CA GLU A 71 2.61 19.49 -0.49
C GLU A 71 1.95 19.49 -1.87
N ARG A 72 1.79 20.65 -2.47
CA ARG A 72 1.26 20.73 -3.82
C ARG A 72 2.20 19.99 -4.78
N GLU A 73 3.49 20.28 -4.69
CA GLU A 73 4.49 19.55 -5.46
C GLU A 73 4.38 18.04 -5.27
N ALA A 74 4.28 17.60 -4.02
CA ALA A 74 4.14 16.19 -3.73
C ALA A 74 2.93 15.63 -4.48
N LEU A 75 1.80 16.35 -4.44
CA LEU A 75 0.59 15.84 -5.02
C LEU A 75 0.69 15.81 -6.57
N MET A 76 1.31 16.82 -7.14
CA MET A 76 1.53 16.85 -8.57
C MET A 76 2.47 15.71 -9.02
N SER A 77 3.55 15.45 -8.26
CA SER A 77 4.40 14.30 -8.53
C SER A 77 3.61 12.98 -8.47
N GLU A 78 2.68 12.89 -7.50
CA GLU A 78 1.84 11.71 -7.32
C GLU A 78 1.00 11.46 -8.57
N LEU A 79 0.37 12.53 -9.04
CA LEU A 79 -0.40 12.52 -10.27
C LEU A 79 0.46 12.00 -11.44
N LYS A 80 1.68 12.52 -11.57
CA LYS A 80 2.57 12.12 -12.66
C LYS A 80 2.94 10.62 -12.57
N VAL A 81 3.16 10.13 -11.35
CA VAL A 81 3.49 8.71 -11.15
C VAL A 81 2.32 7.78 -11.51
N LEU A 82 1.11 8.08 -11.02
CA LEU A 82 -0.07 7.30 -11.38
C LEU A 82 -0.27 7.29 -12.90
N SER A 83 -0.06 8.44 -13.54
CA SER A 83 -0.20 8.52 -15.00
C SER A 83 0.84 7.61 -15.63
N TYR A 84 2.07 7.70 -15.11
CA TYR A 84 3.17 6.89 -15.59
C TYR A 84 2.88 5.39 -15.41
N LEU A 85 2.28 5.02 -14.28
CA LEU A 85 2.01 3.61 -13.98
C LEU A 85 0.91 3.02 -14.87
N GLY A 86 -0.10 3.82 -15.19
CA GLY A 86 -1.17 3.37 -16.08
C GLY A 86 -2.23 2.70 -15.23
N ASN A 87 -3.28 2.17 -15.85
CA ASN A 87 -4.39 1.64 -15.06
C ASN A 87 -4.46 0.12 -15.11
N HIS A 88 -4.41 -0.51 -13.94
CA HIS A 88 -4.27 -1.93 -13.86
C HIS A 88 -5.18 -2.47 -12.78
N MET A 89 -5.45 -3.76 -12.86
CA MET A 89 -6.43 -4.39 -12.01
C MET A 89 -6.06 -4.27 -10.52
N ASN A 90 -4.78 -4.41 -10.20
CA ASN A 90 -4.38 -4.56 -8.81
C ASN A 90 -3.67 -3.34 -8.22
N ILE A 91 -3.88 -2.18 -8.88
CA ILE A 91 -3.40 -0.89 -8.39
C ILE A 91 -4.55 0.13 -8.53
N VAL A 92 -4.63 1.08 -7.61
CA VAL A 92 -5.71 2.06 -7.64
C VAL A 92 -5.59 2.81 -8.99
N ASN A 93 -6.72 3.03 -9.65
CA ASN A 93 -6.71 3.59 -11.00
C ASN A 93 -6.98 5.11 -10.96
N LEU A 94 -6.13 5.88 -11.64
CA LEU A 94 -6.33 7.34 -11.80
C LEU A 94 -7.40 7.63 -12.84
N LEU A 95 -8.32 8.53 -12.51
CA LEU A 95 -9.40 8.85 -13.42
C LEU A 95 -9.31 10.26 -13.97
N GLY A 96 -8.67 11.18 -13.22
CA GLY A 96 -8.69 12.58 -13.56
C GLY A 96 -7.98 13.41 -12.51
N ALA A 97 -7.96 14.73 -12.69
CA ALA A 97 -7.39 15.66 -11.72
C ALA A 97 -8.03 17.04 -11.90
N CYS A 98 -7.99 17.85 -10.85
CA CYS A 98 -8.30 19.27 -10.99
C CYS A 98 -7.15 20.02 -10.35
N THR A 99 -6.23 20.54 -11.15
CA THR A 99 -5.01 21.10 -10.59
C THR A 99 -5.00 22.64 -10.55
N ILE A 100 -5.98 23.26 -11.20
CA ILE A 100 -6.09 24.73 -11.16
C ILE A 100 -7.50 25.19 -10.77
N GLY A 101 -7.60 26.48 -10.42
CA GLY A 101 -8.89 27.09 -10.16
C GLY A 101 -9.52 26.60 -8.88
N GLY A 102 -8.70 26.16 -7.93
CA GLY A 102 -9.21 25.57 -6.71
C GLY A 102 -8.22 24.62 -6.09
N PRO A 103 -8.62 23.90 -5.03
CA PRO A 103 -7.66 23.02 -4.35
C PRO A 103 -7.16 21.95 -5.30
N THR A 104 -5.86 21.71 -5.29
CA THR A 104 -5.31 20.72 -6.19
C THR A 104 -5.83 19.39 -5.70
N LEU A 105 -6.36 18.58 -6.61
CA LEU A 105 -6.90 17.27 -6.22
C LEU A 105 -6.65 16.20 -7.28
N VAL A 106 -6.62 14.95 -6.82
CA VAL A 106 -6.42 13.81 -7.69
C VAL A 106 -7.64 12.88 -7.60
N ILE A 107 -8.17 12.47 -8.75
CA ILE A 107 -9.39 11.65 -8.78
C ILE A 107 -9.05 10.24 -9.20
N THR A 108 -9.46 9.28 -8.38
CA THR A 108 -9.28 7.84 -8.64
C THR A 108 -10.61 7.11 -8.53
N GLU A 109 -10.60 5.85 -8.90
CA GLU A 109 -11.75 4.98 -8.68
C GLU A 109 -12.07 4.93 -7.18
N TYR A 110 -13.32 4.67 -6.83
CA TYR A 110 -13.69 4.41 -5.44
C TYR A 110 -13.65 2.91 -5.17
N CYS A 111 -12.98 2.49 -4.10
CA CYS A 111 -12.95 1.06 -3.73
C CYS A 111 -13.96 0.75 -2.61
N CYS A 112 -14.99 -0.02 -2.94
CA CYS A 112 -16.20 -0.03 -2.13
C CYS A 112 -16.06 -0.69 -0.78
N TYR A 113 -15.05 -1.53 -0.59
CA TYR A 113 -14.85 -2.18 0.71
C TYR A 113 -13.78 -1.52 1.58
N GLY A 114 -13.22 -0.40 1.11
CA GLY A 114 -12.35 0.39 1.95
C GLY A 114 -10.95 -0.22 2.04
N ASP A 115 -10.18 0.16 3.06
CA ASP A 115 -8.81 -0.32 3.12
C ASP A 115 -8.77 -1.72 3.77
N LEU A 116 -7.75 -2.49 3.41
CA LEU A 116 -7.74 -3.91 3.71
C LEU A 116 -7.60 -4.18 5.20
N LEU A 117 -6.89 -3.31 5.91
CA LEU A 117 -6.61 -3.53 7.31
C LEU A 117 -7.90 -3.51 8.13
N ASN A 118 -8.68 -2.45 7.97
CA ASN A 118 -9.99 -2.36 8.64
C ASN A 118 -10.91 -3.51 8.18
N PHE A 119 -10.80 -3.90 6.91
CA PHE A 119 -11.67 -4.95 6.42
C PHE A 119 -11.32 -6.23 7.15
N LEU A 120 -10.04 -6.56 7.22
CA LEU A 120 -9.63 -7.79 7.86
C LEU A 120 -10.09 -7.75 9.31
N ARG A 121 -9.93 -6.60 9.96
CA ARG A 121 -10.36 -6.50 11.35
C ARG A 121 -11.88 -6.71 11.44
N ARG A 122 -12.62 -6.10 10.53
CA ARG A 122 -14.08 -6.21 10.58
C ARG A 122 -14.50 -7.67 10.39
N LYS A 123 -13.69 -8.43 9.66
CA LYS A 123 -14.06 -9.78 9.25
C LYS A 123 -13.42 -10.89 10.08
N ARG A 124 -12.63 -10.52 11.08
CA ARG A 124 -11.85 -11.53 11.78
C ARG A 124 -12.74 -12.61 12.43
N ASP A 125 -13.86 -12.18 12.98
CA ASP A 125 -14.66 -13.03 13.85
C ASP A 125 -15.49 -14.01 13.00
N SER A 126 -15.65 -13.68 11.73
CA SER A 126 -16.47 -14.45 10.82
C SER A 126 -15.63 -15.56 10.18
N PHE A 127 -14.32 -15.57 10.45
CA PHE A 127 -13.38 -16.34 9.66
C PHE A 127 -13.64 -17.85 9.74
N ILE A 128 -13.83 -18.47 8.59
CA ILE A 128 -14.03 -19.91 8.51
C ILE A 128 -12.71 -20.65 8.34
N CYS A 129 -12.32 -21.38 9.39
CA CYS A 129 -11.07 -22.13 9.42
C CYS A 129 -11.10 -23.39 8.55
N SER A 130 -9.92 -23.94 8.33
CA SER A 130 -9.62 -24.69 7.11
C SER A 130 -9.73 -26.19 7.40
N LEU A 142 -20.16 -12.33 2.63
CA LEU A 142 -19.82 -13.64 3.17
C LEU A 142 -18.59 -13.62 4.09
N ALA A 143 -18.28 -14.75 4.68
CA ALA A 143 -17.16 -14.84 5.61
C ALA A 143 -15.85 -14.91 4.85
N LEU A 144 -14.76 -14.75 5.58
CA LEU A 144 -13.45 -14.88 5.00
C LEU A 144 -13.01 -16.33 5.20
N ASP A 145 -12.24 -16.88 4.26
CA ASP A 145 -11.55 -18.13 4.51
C ASP A 145 -10.17 -18.12 3.87
N LEU A 146 -9.51 -19.26 3.90
CA LEU A 146 -8.10 -19.28 3.54
C LEU A 146 -7.89 -18.83 2.08
N GLU A 147 -8.75 -19.27 1.17
CA GLU A 147 -8.58 -18.86 -0.22
C GLU A 147 -8.75 -17.35 -0.45
N ASP A 148 -9.58 -16.69 0.36
CA ASP A 148 -9.58 -15.21 0.36
C ASP A 148 -8.20 -14.67 0.68
N LEU A 149 -7.60 -15.17 1.77
CA LEU A 149 -6.28 -14.70 2.18
C LEU A 149 -5.22 -14.96 1.12
N LEU A 150 -5.21 -16.16 0.57
CA LEU A 150 -4.32 -16.49 -0.54
C LEU A 150 -4.57 -15.57 -1.73
N SER A 151 -5.84 -15.32 -2.05
CA SER A 151 -6.16 -14.44 -3.16
C SER A 151 -5.58 -13.04 -2.97
N PHE A 152 -5.67 -12.52 -1.75
CA PHE A 152 -5.16 -11.19 -1.44
C PHE A 152 -3.63 -11.22 -1.52
N SER A 153 -3.03 -12.26 -0.94
CA SER A 153 -1.57 -12.42 -0.99
C SER A 153 -1.10 -12.39 -2.45
N TYR A 154 -1.77 -13.15 -3.32
CA TYR A 154 -1.45 -13.20 -4.76
C TYR A 154 -1.58 -11.84 -5.44
N GLN A 155 -2.70 -11.16 -5.19
CA GLN A 155 -3.00 -9.92 -5.89
C GLN A 155 -2.08 -8.78 -5.50
N VAL A 156 -1.71 -8.73 -4.23
CA VAL A 156 -0.74 -7.76 -3.74
C VAL A 156 0.64 -8.05 -4.32
N ALA A 157 1.11 -9.30 -4.29
CA ALA A 157 2.41 -9.60 -4.92
C ALA A 157 2.37 -9.24 -6.41
N LYS A 158 1.25 -9.52 -7.06
CA LYS A 158 1.12 -9.24 -8.47
C LYS A 158 1.19 -7.73 -8.78
N GLY A 159 0.44 -6.94 -8.01
CA GLY A 159 0.51 -5.49 -8.14
C GLY A 159 1.93 -4.99 -7.89
N MET A 160 2.60 -5.55 -6.89
CA MET A 160 3.95 -5.10 -6.55
C MET A 160 4.92 -5.51 -7.66
N ALA A 161 4.71 -6.68 -8.24
CA ALA A 161 5.50 -7.15 -9.37
C ALA A 161 5.42 -6.12 -10.50
N PHE A 162 4.22 -5.63 -10.75
CA PHE A 162 4.08 -4.61 -11.77
C PHE A 162 4.79 -3.29 -11.39
N LEU A 163 4.63 -2.86 -10.15
CA LEU A 163 5.35 -1.69 -9.67
C LEU A 163 6.86 -1.88 -9.85
N ALA A 164 7.39 -3.01 -9.43
CA ALA A 164 8.81 -3.26 -9.62
C ALA A 164 9.18 -3.20 -11.12
N SER A 165 8.32 -3.73 -11.99
CA SER A 165 8.63 -3.78 -13.42
C SER A 165 8.69 -2.38 -14.04
N LYS A 166 8.04 -1.42 -13.37
CA LYS A 166 8.08 -0.03 -13.79
C LYS A 166 9.15 0.75 -13.02
N ASN A 167 9.94 0.03 -12.25
CA ASN A 167 11.00 0.64 -11.44
C ASN A 167 10.43 1.60 -10.41
N CYS A 168 9.29 1.24 -9.83
CA CYS A 168 8.64 2.04 -8.82
C CYS A 168 8.79 1.32 -7.48
N ILE A 169 9.34 2.03 -6.50
CA ILE A 169 9.48 1.50 -5.15
C ILE A 169 8.42 2.14 -4.27
N HIS A 170 7.67 1.31 -3.56
CA HIS A 170 6.56 1.81 -2.76
C HIS A 170 6.99 2.51 -1.48
N ARG A 171 7.79 1.84 -0.64
CA ARG A 171 8.24 2.40 0.64
C ARG A 171 7.28 2.36 1.84
N ASP A 172 5.99 2.22 1.62
CA ASP A 172 5.09 2.07 2.75
C ASP A 172 4.04 1.00 2.50
N LEU A 173 4.49 -0.12 1.93
CA LEU A 173 3.64 -1.30 1.76
C LEU A 173 3.25 -1.91 3.11
N ALA A 174 1.94 -2.01 3.31
CA ALA A 174 1.33 -2.59 4.53
C ALA A 174 -0.18 -2.67 4.26
N ALA A 175 -0.92 -3.41 5.08
CA ALA A 175 -2.33 -3.63 4.80
C ALA A 175 -3.11 -2.33 4.76
N ARG A 176 -2.69 -1.34 5.57
CA ARG A 176 -3.36 -0.05 5.63
C ARG A 176 -3.24 0.69 4.30
N ASN A 177 -2.28 0.30 3.49
CA ASN A 177 -2.10 0.90 2.18
C ASN A 177 -2.54 0.00 1.03
N ILE A 178 -3.53 -0.84 1.31
CA ILE A 178 -4.20 -1.62 0.27
C ILE A 178 -5.71 -1.38 0.40
N LEU A 179 -6.38 -1.18 -0.73
CA LEU A 179 -7.83 -1.02 -0.73
C LEU A 179 -8.46 -2.28 -1.31
N LEU A 180 -9.73 -2.50 -0.99
CA LEU A 180 -10.46 -3.62 -1.55
C LEU A 180 -11.75 -3.15 -2.23
N THR A 181 -12.02 -3.68 -3.41
CA THR A 181 -13.22 -3.30 -4.12
C THR A 181 -14.00 -4.52 -4.67
N HIS A 182 -14.86 -4.30 -5.64
CA HIS A 182 -15.78 -5.31 -6.15
C HIS A 182 -15.15 -6.65 -6.50
N GLY A 183 -15.78 -7.73 -6.03
CA GLY A 183 -15.27 -9.08 -6.31
C GLY A 183 -14.06 -9.43 -5.44
N ARG A 184 -13.84 -8.68 -4.37
CA ARG A 184 -12.65 -8.84 -3.51
C ARG A 184 -11.38 -8.81 -4.35
N ILE A 185 -11.27 -7.76 -5.13
CA ILE A 185 -10.07 -7.37 -5.84
C ILE A 185 -9.34 -6.34 -4.97
N THR A 186 -8.04 -6.54 -4.74
CA THR A 186 -7.24 -5.59 -3.94
C THR A 186 -6.55 -4.57 -4.86
N LYS A 187 -6.44 -3.34 -4.37
CA LYS A 187 -5.76 -2.28 -5.09
C LYS A 187 -4.71 -1.67 -4.19
N ILE A 188 -3.46 -1.85 -4.56
CA ILE A 188 -2.37 -1.17 -3.87
C ILE A 188 -2.57 0.33 -4.03
N CYS A 189 -2.36 1.04 -2.93
CA CYS A 189 -2.42 2.50 -2.92
C CYS A 189 -1.39 3.04 -1.92
N ASP A 190 -1.43 4.37 -1.72
CA ASP A 190 -0.60 5.06 -0.74
C ASP A 190 -1.32 6.33 -0.38
N PHE A 191 -1.72 6.43 0.88
CA PHE A 191 -2.46 7.60 1.34
C PHE A 191 -1.61 8.84 1.56
N GLY A 192 -0.32 8.61 1.84
CA GLY A 192 0.64 9.70 1.83
C GLY A 192 0.17 10.87 2.67
N LEU A 193 -0.06 12.01 2.02
CA LEU A 193 -0.50 13.26 2.70
C LEU A 193 -1.83 13.14 3.45
N ALA A 194 -2.68 12.25 2.99
CA ALA A 194 -3.99 12.09 3.60
C ALA A 194 -4.05 11.06 4.72
N ARG A 195 -2.90 10.73 5.31
CA ARG A 195 -2.88 9.96 6.55
C ARG A 195 -2.30 10.81 7.68
N ASP A 196 -2.85 10.65 8.87
CA ASP A 196 -2.37 11.43 10.00
C ASP A 196 -1.27 10.71 10.75
N ILE A 197 -0.05 10.67 10.21
CA ILE A 197 0.95 9.78 10.77
C ILE A 197 1.41 10.19 12.17
N LYS A 198 1.03 11.39 12.61
CA LYS A 198 1.41 11.81 13.97
C LYS A 198 0.63 11.03 15.00
N ASN A 199 -0.61 10.68 14.68
CA ASN A 199 -1.43 9.98 15.63
C ASN A 199 -1.64 8.53 15.26
N ASP A 200 -0.82 8.05 14.35
CA ASP A 200 -0.82 6.63 14.01
C ASP A 200 0.47 6.09 14.61
N SER A 201 0.36 5.16 15.56
CA SER A 201 1.55 4.73 16.29
C SER A 201 2.38 3.68 15.55
N ASN A 202 1.89 3.20 14.41
CA ASN A 202 2.67 2.37 13.51
C ASN A 202 3.77 3.18 12.83
N TYR A 203 3.71 4.49 13.01
CA TYR A 203 4.74 5.33 12.49
C TYR A 203 5.47 5.81 13.73
N VAL A 204 6.79 5.76 13.69
CA VAL A 204 7.62 5.87 14.89
C VAL A 204 8.63 6.96 14.57
N VAL A 205 8.88 7.89 15.50
CA VAL A 205 9.90 8.88 15.21
C VAL A 205 11.23 8.18 15.10
N LYS A 206 12.00 8.54 14.08
CA LYS A 206 13.28 7.93 13.83
C LYS A 206 14.08 9.03 13.15
N GLY A 207 14.95 9.69 13.92
CA GLY A 207 15.62 10.86 13.40
C GLY A 207 14.62 12.00 13.31
N ASN A 208 14.53 12.60 12.12
CA ASN A 208 13.60 13.71 11.86
C ASN A 208 12.49 13.21 10.93
N ALA A 209 11.87 12.08 11.28
CA ALA A 209 10.88 11.42 10.41
C ALA A 209 10.06 10.45 11.24
N ARG A 210 8.75 10.39 11.02
CA ARG A 210 7.97 9.29 11.55
C ARG A 210 7.85 8.21 10.46
N LEU A 211 8.34 7.02 10.76
CA LEU A 211 8.53 5.96 9.77
C LEU A 211 7.82 4.69 10.21
N PRO A 212 7.34 3.88 9.25
CA PRO A 212 6.68 2.60 9.58
C PRO A 212 7.71 1.54 9.92
N VAL A 213 8.38 1.68 11.05
CA VAL A 213 9.54 0.83 11.34
C VAL A 213 9.26 -0.68 11.36
N LYS A 214 8.15 -1.09 11.98
CA LYS A 214 7.85 -2.53 12.08
C LYS A 214 7.67 -3.19 10.68
N TRP A 215 7.48 -2.36 9.65
CA TRP A 215 7.35 -2.86 8.28
C TRP A 215 8.65 -2.76 7.47
N MET A 216 9.65 -2.07 8.02
CA MET A 216 10.84 -1.72 7.23
C MET A 216 11.98 -2.72 7.32
N ALA A 217 12.69 -2.89 6.20
CA ALA A 217 13.89 -3.74 6.16
C ALA A 217 15.04 -3.09 6.94
N PRO A 218 15.92 -3.91 7.52
CA PRO A 218 16.98 -3.36 8.36
C PRO A 218 17.80 -2.33 7.62
N GLU A 219 18.17 -2.65 6.38
CA GLU A 219 18.97 -1.73 5.58
C GLU A 219 18.27 -0.38 5.39
N SER A 220 16.95 -0.38 5.43
CA SER A 220 16.22 0.87 5.26
C SER A 220 16.28 1.63 6.54
N ILE A 221 16.09 0.90 7.64
CA ILE A 221 16.07 1.47 8.97
C ILE A 221 17.41 2.13 9.28
N PHE A 222 18.46 1.33 9.16
CA PHE A 222 19.79 1.75 9.57
C PHE A 222 20.49 2.56 8.50
N ASN A 223 20.11 2.36 7.23
CA ASN A 223 20.87 3.00 6.16
C ASN A 223 20.09 3.86 5.18
N CYS A 224 18.78 4.00 5.44
CA CYS A 224 17.88 4.84 4.64
C CYS A 224 18.00 4.48 3.17
N VAL A 225 18.12 3.19 2.87
CA VAL A 225 18.01 2.76 1.48
C VAL A 225 16.69 2.03 1.29
N TYR A 226 15.99 2.36 0.21
CA TYR A 226 14.73 1.70 -0.15
C TYR A 226 14.91 1.16 -1.55
N THR A 227 14.63 -0.13 -1.70
CA THR A 227 14.94 -0.87 -2.92
C THR A 227 13.80 -1.81 -3.27
N PHE A 228 13.90 -2.45 -4.44
CA PHE A 228 13.00 -3.55 -4.76
C PHE A 228 12.93 -4.53 -3.57
N GLU A 229 14.08 -4.80 -2.97
CA GLU A 229 14.21 -5.86 -1.97
C GLU A 229 13.67 -5.46 -0.60
N SER A 230 13.72 -4.16 -0.30
CA SER A 230 13.14 -3.69 0.94
C SER A 230 11.62 -3.71 0.85
N ASP A 231 11.06 -3.51 -0.35
CA ASP A 231 9.61 -3.62 -0.50
C ASP A 231 9.18 -5.07 -0.27
N VAL A 232 10.02 -6.02 -0.70
CA VAL A 232 9.73 -7.44 -0.49
C VAL A 232 9.68 -7.79 1.01
N TRP A 233 10.56 -7.21 1.80
CA TRP A 233 10.50 -7.36 3.26
C TRP A 233 9.16 -6.86 3.85
N SER A 234 8.73 -5.67 3.45
CA SER A 234 7.45 -5.15 3.92
C SER A 234 6.30 -6.08 3.49
N TYR A 235 6.41 -6.62 2.28
CA TYR A 235 5.38 -7.54 1.81
C TYR A 235 5.31 -8.74 2.75
N GLY A 236 6.48 -9.20 3.21
CA GLY A 236 6.52 -10.24 4.23
C GLY A 236 5.75 -9.84 5.48
N ILE A 237 5.96 -8.62 5.96
CA ILE A 237 5.24 -8.14 7.15
C ILE A 237 3.75 -8.05 6.83
N PHE A 238 3.42 -7.54 5.66
CA PHE A 238 2.03 -7.58 5.16
C PHE A 238 1.40 -8.99 5.20
N LEU A 239 2.12 -9.99 4.71
CA LEU A 239 1.64 -11.38 4.78
C LEU A 239 1.24 -11.77 6.23
N TRP A 240 2.06 -11.34 7.19
CA TRP A 240 1.81 -11.60 8.60
C TRP A 240 0.57 -10.85 9.13
N GLU A 241 0.38 -9.61 8.70
CA GLU A 241 -0.86 -8.90 8.97
C GLU A 241 -2.06 -9.66 8.42
N LEU A 242 -1.91 -10.18 7.21
CA LEU A 242 -2.99 -10.77 6.44
C LEU A 242 -3.44 -12.07 7.16
N PHE A 243 -2.50 -12.98 7.35
CA PHE A 243 -2.85 -14.26 7.95
C PHE A 243 -3.04 -14.15 9.46
N SER A 244 -2.79 -12.97 10.03
CA SER A 244 -3.07 -12.77 11.43
C SER A 244 -4.38 -11.99 11.54
N LEU A 245 -5.06 -11.89 10.41
CA LEU A 245 -6.38 -11.27 10.35
C LEU A 245 -6.40 -9.83 10.86
N GLY A 246 -5.31 -9.11 10.63
CA GLY A 246 -5.24 -7.70 10.95
C GLY A 246 -4.52 -7.36 12.25
N SER A 247 -3.88 -8.33 12.87
CA SER A 247 -3.10 -8.04 14.07
C SER A 247 -1.94 -7.11 13.75
N SER A 248 -1.54 -6.30 14.73
CA SER A 248 -0.35 -5.47 14.62
C SER A 248 0.89 -6.35 14.73
N PRO A 249 1.90 -6.12 13.86
CA PRO A 249 3.14 -6.93 13.91
C PRO A 249 3.93 -6.75 15.20
N TYR A 250 4.80 -7.72 15.47
CA TYR A 250 5.58 -7.77 16.72
C TYR A 250 4.72 -7.40 17.92
N PRO A 251 3.72 -8.23 18.24
CA PRO A 251 2.83 -7.89 19.36
C PRO A 251 3.63 -7.71 20.68
N GLY A 252 3.20 -6.76 21.51
CA GLY A 252 3.80 -6.55 22.81
C GLY A 252 5.22 -6.03 22.75
N MET A 253 5.61 -5.55 21.57
CA MET A 253 7.01 -5.21 21.33
C MET A 253 7.18 -3.81 20.77
N PRO A 254 7.39 -2.83 21.65
CA PRO A 254 7.57 -1.43 21.24
C PRO A 254 8.86 -1.23 20.42
N VAL A 255 8.80 -0.31 19.47
CA VAL A 255 10.00 0.04 18.73
C VAL A 255 10.91 0.81 19.68
N ASP A 256 12.13 0.34 19.88
CA ASP A 256 13.12 1.08 20.68
C ASP A 256 14.47 0.41 20.52
N SER A 257 15.43 0.77 21.36
CA SER A 257 16.79 0.30 21.14
C SER A 257 16.79 -1.20 21.09
N LYS A 258 16.01 -1.82 21.98
CA LYS A 258 15.96 -3.28 22.05
C LYS A 258 15.38 -3.92 20.78
N PHE A 259 14.30 -3.33 20.26
CA PHE A 259 13.66 -3.85 19.06
C PHE A 259 14.69 -3.80 17.92
N TYR A 260 15.44 -2.72 17.83
CA TYR A 260 16.41 -2.57 16.75
C TYR A 260 17.51 -3.59 16.86
N LYS A 261 18.01 -3.74 18.09
CA LYS A 261 18.98 -4.76 18.43
C LYS A 261 18.49 -6.13 17.96
N MET A 262 17.25 -6.47 18.32
CA MET A 262 16.71 -7.81 18.05
C MET A 262 16.49 -8.17 16.58
N ILE A 263 16.04 -7.21 15.77
CA ILE A 263 15.93 -7.43 14.32
C ILE A 263 17.31 -7.70 13.74
N LYS A 264 18.29 -6.92 14.19
CA LYS A 264 19.68 -7.07 13.70
C LYS A 264 20.25 -8.44 14.04
N GLU A 265 19.82 -9.00 15.18
CA GLU A 265 20.34 -10.30 15.62
C GLU A 265 19.75 -11.48 14.87
N GLY A 266 18.58 -11.30 14.28
CA GLY A 266 17.93 -12.40 13.61
C GLY A 266 16.57 -12.75 14.22
N PHE A 267 16.06 -11.90 15.10
CA PHE A 267 14.71 -12.14 15.62
C PHE A 267 13.67 -11.87 14.54
N ARG A 268 12.72 -12.79 14.41
CA ARG A 268 11.66 -12.75 13.40
C ARG A 268 10.34 -13.24 14.04
N MET A 269 9.21 -12.90 13.42
CA MET A 269 7.93 -13.38 13.92
C MET A 269 7.71 -14.86 13.62
N LEU A 270 7.02 -15.51 14.54
CA LEU A 270 6.52 -16.86 14.36
C LEU A 270 5.32 -16.80 13.42
N SER A 271 4.99 -17.92 12.79
CA SER A 271 3.87 -17.98 11.86
C SER A 271 2.56 -17.58 12.53
N PRO A 272 1.74 -16.77 11.83
CA PRO A 272 0.32 -16.63 12.19
C PRO A 272 -0.33 -18.02 12.12
N GLU A 273 -1.36 -18.25 12.93
CA GLU A 273 -1.97 -19.58 13.00
C GLU A 273 -2.61 -19.99 11.69
N HIS A 274 -3.13 -19.03 10.94
CA HIS A 274 -3.89 -19.31 9.72
C HIS A 274 -3.06 -19.35 8.46
N ALA A 275 -1.74 -19.19 8.59
CA ALA A 275 -0.87 -19.22 7.43
C ALA A 275 -0.50 -20.66 7.03
N PRO A 276 -0.82 -21.07 5.78
CA PRO A 276 -0.24 -22.35 5.37
C PRO A 276 1.30 -22.34 5.49
N ALA A 277 1.89 -23.52 5.56
CA ALA A 277 3.32 -23.62 5.79
C ALA A 277 4.10 -22.90 4.69
N GLU A 278 3.70 -23.05 3.43
CA GLU A 278 4.43 -22.42 2.33
C GLU A 278 4.32 -20.90 2.35
N MET A 279 3.20 -20.37 2.85
CA MET A 279 3.06 -18.95 2.99
C MET A 279 4.02 -18.37 4.04
N TYR A 280 4.22 -19.10 5.14
CA TYR A 280 5.15 -18.67 6.17
C TYR A 280 6.60 -18.80 5.72
N ASP A 281 6.90 -19.82 4.92
CA ASP A 281 8.25 -19.90 4.37
C ASP A 281 8.51 -18.68 3.50
N ILE A 282 7.51 -18.26 2.72
CA ILE A 282 7.66 -17.02 1.95
C ILE A 282 7.95 -15.83 2.87
N MET A 283 7.19 -15.67 3.94
CA MET A 283 7.46 -14.59 4.91
C MET A 283 8.91 -14.61 5.36
N LYS A 284 9.35 -15.77 5.87
CA LYS A 284 10.72 -15.93 6.36
C LYS A 284 11.75 -15.51 5.29
N THR A 285 11.55 -15.92 4.04
CA THR A 285 12.49 -15.53 3.01
C THR A 285 12.44 -14.04 2.72
N CYS A 286 11.25 -13.45 2.80
CA CYS A 286 11.11 -11.99 2.67
C CYS A 286 11.94 -11.27 3.75
N TRP A 287 12.14 -11.95 4.87
CA TRP A 287 12.76 -11.36 6.05
C TRP A 287 14.24 -11.75 6.16
N ASP A 288 14.83 -12.27 5.09
CA ASP A 288 16.24 -12.58 5.19
C ASP A 288 16.98 -11.26 5.41
N ALA A 289 17.97 -11.27 6.31
CA ALA A 289 18.81 -10.09 6.46
C ALA A 289 19.58 -9.74 5.18
N ASP A 290 19.89 -10.74 4.35
CA ASP A 290 20.63 -10.48 3.12
C ASP A 290 19.62 -10.14 2.03
N PRO A 291 19.56 -8.88 1.60
CA PRO A 291 18.54 -8.48 0.63
C PRO A 291 18.55 -9.37 -0.61
N LEU A 292 19.75 -9.83 -1.00
CA LEU A 292 19.89 -10.64 -2.19
C LEU A 292 19.33 -12.06 -2.10
N LYS A 293 19.03 -12.55 -0.88
CA LYS A 293 18.42 -13.87 -0.75
C LYS A 293 16.89 -13.82 -0.66
N ARG A 294 16.33 -12.62 -0.64
CA ARG A 294 14.86 -12.48 -0.61
C ARG A 294 14.31 -12.82 -1.98
N PRO A 295 13.06 -13.29 -2.06
CA PRO A 295 12.50 -13.54 -3.40
C PRO A 295 12.15 -12.20 -4.05
N THR A 296 11.99 -12.22 -5.37
CA THR A 296 11.41 -11.07 -6.07
C THR A 296 9.89 -11.27 -6.05
N PHE A 297 9.14 -10.21 -6.34
CA PHE A 297 7.70 -10.35 -6.43
C PHE A 297 7.23 -11.31 -7.55
N LYS A 298 7.95 -11.34 -8.68
CA LYS A 298 7.66 -12.30 -9.77
C LYS A 298 7.67 -13.72 -9.22
N GLN A 299 8.67 -14.02 -8.41
CA GLN A 299 8.80 -15.35 -7.82
C GLN A 299 7.68 -15.65 -6.82
N ILE A 300 7.38 -14.69 -5.95
CA ILE A 300 6.29 -14.85 -5.00
C ILE A 300 4.95 -15.16 -5.70
N VAL A 301 4.63 -14.44 -6.79
CA VAL A 301 3.41 -14.66 -7.58
C VAL A 301 3.33 -16.12 -8.01
N GLN A 302 4.44 -16.67 -8.53
CA GLN A 302 4.50 -18.08 -8.90
C GLN A 302 4.19 -19.04 -7.76
N LEU A 303 4.81 -18.81 -6.61
CA LEU A 303 4.64 -19.71 -5.48
C LEU A 303 3.21 -19.62 -4.98
N ILE A 304 2.65 -18.42 -4.96
CA ILE A 304 1.31 -18.31 -4.44
C ILE A 304 0.30 -18.90 -5.43
N GLU A 305 0.53 -18.70 -6.73
CA GLU A 305 -0.29 -19.35 -7.75
C GLU A 305 -0.45 -20.82 -7.41
N LYS A 306 0.67 -21.49 -7.19
CA LYS A 306 0.69 -22.92 -6.92
C LYS A 306 -0.10 -23.25 -5.65
N GLN A 307 0.11 -22.45 -4.61
CA GLN A 307 -0.60 -22.65 -3.36
C GLN A 307 -2.10 -22.58 -3.59
N ILE A 308 -2.53 -21.64 -4.42
CA ILE A 308 -3.96 -21.42 -4.57
C ILE A 308 -4.66 -22.63 -5.21
N SER A 309 -4.08 -23.12 -6.30
CA SER A 309 -4.49 -24.37 -6.92
C SER A 309 -4.44 -25.59 -5.94
N GLU A 310 -3.33 -25.75 -5.23
CA GLU A 310 -3.23 -26.83 -4.24
C GLU A 310 -4.32 -26.71 -3.16
N SER A 311 -4.67 -25.49 -2.79
CA SER A 311 -5.59 -25.29 -1.70
C SER A 311 -7.03 -25.37 -2.19
N THR A 312 -7.21 -25.56 -3.49
CA THR A 312 -8.56 -25.62 -4.04
C THR A 312 -9.13 -27.03 -3.97
N ASN A 313 -10.45 -27.14 -3.74
CA ASN A 313 -11.28 -28.30 -4.13
C ASN A 313 -12.04 -28.82 -2.91
N1 0LI B . -11.54 4.10 -2.40
N3 0LI B . 4.54 5.62 -4.94
C4 0LI B . -7.73 6.87 -2.87
C5 0LI B . -6.65 7.60 -3.53
C6 0LI B . -6.81 8.92 -4.17
C7 0LI B . -5.64 9.55 -4.82
C8 0LI B . -4.35 8.85 -4.83
C10 0LI B . -5.39 6.96 -3.54
C13 0LI B . -0.58 6.77 -4.84
C15 0LI B . 1.91 6.98 -5.08
C17 0LI B . 0.79 4.74 -5.49
C20 0LI B . 3.46 5.01 -5.73
C21 0LI B . 4.48 5.28 -3.47
C22 0LI B . 5.54 6.13 -2.68
C24 0LI B . 5.92 5.40 -5.53
C81 0LI B . -12.01 3.84 0.08
C82 0LI B . -11.51 4.26 1.33
C83 0LI B . -10.34 5.13 1.38
N81 0LI B . -9.66 5.59 0.31
N82 0LI B . -10.19 5.15 -0.88
C84 0LI B . -11.33 4.28 -1.11
C1 0LI B . -10.55 4.80 -3.05
C2 0LI B . -9.74 5.44 -2.15
C3 0LI B . -8.65 6.22 -2.47
C9 0LI B . -4.23 7.55 -4.18
C11 0LI B . -8.15 9.66 -4.20
C12 0LI B . -2.97 6.75 -4.14
O1 0LI B . -3.02 5.58 -3.76
N2 0LI B . -1.83 7.39 -4.55
C14 0LI B . 0.62 7.57 -4.79
C16 0LI B . 2.03 5.56 -5.44
C18 0LI B . -0.45 5.37 -5.20
C19 0LI B . 0.76 3.23 -5.84
F1 0LI B . 1.34 2.55 -4.87
F2 0LI B . -0.48 2.76 -5.97
F3 0LI B . 1.36 3.03 -7.02
C23 0LI B . 7.05 6.11 -4.67
C25 0LI B . 7.95 6.49 -2.35
N4 0LI B . 6.92 5.84 -3.18
P PO4 C . -19.38 -7.38 -5.41
O1 PO4 C . -20.50 -7.16 -4.44
O2 PO4 C . -19.56 -8.70 -6.07
O3 PO4 C . -18.08 -7.37 -4.72
O4 PO4 C . -19.42 -6.31 -6.44
P PO4 D . -18.71 1.72 -6.98
O1 PO4 D . -19.40 3.01 -6.56
O2 PO4 D . -17.27 2.01 -7.31
O3 PO4 D . -19.40 1.13 -8.23
O4 PO4 D . -18.79 0.73 -5.83
#